data_3RF7
#
_entry.id   3RF7
#
_cell.length_a   121.074
_cell.length_b   121.074
_cell.length_c   275.666
_cell.angle_alpha   90.000
_cell.angle_beta   90.000
_cell.angle_gamma   90.000
#
_symmetry.space_group_name_H-M   'I 41 2 2'
#
loop_
_entity.id
_entity.type
_entity.pdbx_description
1 polymer 'Iron-containing alcohol dehydrogenase'
2 non-polymer 'UNKNOWN LIGAND'
3 non-polymer NICOTINAMIDE-ADENINE-DINUCLEOTIDE
4 non-polymer '4-(2-HYDROXYETHYL)-1-PIPERAZINE ETHANESULFONIC ACID'
5 non-polymer 'FE (III) ION'
6 non-polymer 'NICKEL (II) ION'
7 non-polymer 'CHLORIDE ION'
8 non-polymer 'CALCIUM ION'
9 non-polymer DI(HYDROXYETHYL)ETHER
10 water water
#
_entity_poly.entity_id   1
_entity_poly.type   'polypeptide(L)'
_entity_poly.pdbx_seq_one_letter_code
;(MSE)GSDKIHHHHHHENLYFQG(MSE)SFKNFKCVPK(MSE)IFGRGSFVQLDTVLEQERTDANDFVVFLVDDVHQHKP
LAARVPNKAHDLVIYVNVDDEPTTVQVDELTAQVKAFNTKLPVSVVGLGGGST(MSE)DLAKAVSL(MSE)LTNPGSSSE
YQGWDLIKNPAVHHIGIPTVSGTGAEASRTAVLCGPVRKLGLNSDYTVFDQII(MSE)DSELIAGVPTDQWFYTG(MSE)
DCFIHCVESLQGTYLNEFAKAFAEKS(MSE)DLCREVYLDDHPEKDDKL(MSE)(MSE)ASY(MSE)GG(MSE)SIAYSQ
VGACHAVSYGLGYVLGYHHGIGNCLAFDVLEEFYPEGVAEFRK(MSE)(MSE)EIHNITLPKNICKDLPDETIAK(MSE)
VAVTKS(MSE)GPLWDNVYGKGWEEKVTDE(MSE)LTKLFRRI
;
_entity_poly.pdbx_strand_id   A
#
loop_
_chem_comp.id
_chem_comp.type
_chem_comp.name
_chem_comp.formula
CA non-polymer 'CALCIUM ION' 'Ca 2'
CL non-polymer 'CHLORIDE ION' 'Cl -1'
EPE non-polymer '4-(2-HYDROXYETHYL)-1-PIPERAZINE ETHANESULFONIC ACID' 'C8 H18 N2 O4 S'
FE non-polymer 'FE (III) ION' 'Fe 3'
NAD non-polymer NICOTINAMIDE-ADENINE-DINUCLEOTIDE 'C21 H27 N7 O14 P2'
NI non-polymer 'NICKEL (II) ION' 'Ni 2'
PEG non-polymer DI(HYDROXYETHYL)ETHER 'C4 H10 O3'
UNL non-polymer 'UNKNOWN LIGAND' ?
#
# COMPACT_ATOMS: atom_id res chain seq x y z
N ASN A 14 15.65 -6.41 -30.65
CA ASN A 14 14.91 -7.70 -30.46
C ASN A 14 15.41 -8.46 -29.20
N LEU A 15 16.57 -9.12 -29.31
CA LEU A 15 17.20 -9.84 -28.18
C LEU A 15 17.84 -8.87 -27.16
N TYR A 16 18.52 -7.84 -27.68
CA TYR A 16 19.09 -6.76 -26.87
C TYR A 16 17.99 -5.93 -26.17
N PHE A 17 16.96 -5.53 -26.91
CA PHE A 17 15.86 -4.71 -26.36
C PHE A 17 15.10 -5.43 -25.24
N GLN A 18 14.97 -6.76 -25.35
CA GLN A 18 14.32 -7.57 -24.31
C GLN A 18 15.18 -7.63 -23.03
N GLY A 19 16.49 -7.85 -23.20
CA GLY A 19 17.46 -7.85 -22.09
C GLY A 19 17.55 -6.55 -21.29
N MSE A 20 17.45 -5.42 -22.01
CA MSE A 20 17.42 -4.06 -21.43
C MSE A 20 16.08 -3.71 -20.72
O MSE A 20 16.00 -2.75 -19.96
CB MSE A 20 17.68 -3.00 -22.50
CG MSE A 20 19.10 -3.01 -23.11
SE MSE A 20 20.54 -2.53 -21.88
CE MSE A 20 20.11 -0.66 -21.47
N SER A 21 15.05 -4.48 -21.01
CA SER A 21 13.71 -4.17 -20.56
C SER A 21 13.52 -4.51 -19.08
N PHE A 22 14.41 -5.33 -18.52
CA PHE A 22 14.15 -5.83 -17.18
C PHE A 22 14.41 -4.72 -16.16
N LYS A 23 13.52 -4.67 -15.19
CA LYS A 23 13.55 -3.66 -14.18
C LYS A 23 14.74 -3.92 -13.27
N ASN A 24 15.47 -2.85 -12.94
CA ASN A 24 16.43 -2.88 -11.84
C ASN A 24 15.67 -2.51 -10.54
N PHE A 25 15.25 -3.55 -9.83
CA PHE A 25 14.40 -3.44 -8.66
C PHE A 25 15.20 -3.03 -7.41
N LYS A 26 14.85 -1.87 -6.85
N LYS A 26 14.85 -1.90 -6.81
CA LYS A 26 15.36 -1.41 -5.56
CA LYS A 26 15.48 -1.43 -5.58
C LYS A 26 14.39 -1.92 -4.53
C LYS A 26 14.52 -1.74 -4.43
N CYS A 27 14.88 -2.75 -3.61
CA CYS A 27 14.04 -3.20 -2.50
C CYS A 27 14.54 -2.60 -1.16
N VAL A 28 13.81 -2.86 -0.08
CA VAL A 28 14.18 -2.37 1.25
C VAL A 28 15.48 -3.08 1.65
N PRO A 29 16.53 -2.30 1.97
CA PRO A 29 17.80 -2.94 2.23
C PRO A 29 17.99 -3.49 3.65
N LYS A 30 17.20 -3.03 4.61
N LYS A 30 17.21 -3.00 4.62
CA LYS A 30 17.34 -3.49 5.98
CA LYS A 30 17.35 -3.41 6.01
C LYS A 30 15.99 -3.82 6.59
C LYS A 30 15.98 -3.82 6.58
N MSE A 31 15.93 -4.99 7.22
CA MSE A 31 14.68 -5.57 7.75
C MSE A 31 14.95 -6.25 9.08
O MSE A 31 15.89 -7.03 9.19
CB MSE A 31 14.18 -6.67 6.83
CG MSE A 31 14.08 -6.23 5.40
SE MSE A 31 13.27 -7.55 4.30
CE MSE A 31 14.85 -8.44 3.72
N ILE A 32 14.10 -5.96 10.06
CA ILE A 32 14.03 -6.72 11.31
C ILE A 32 12.69 -7.44 11.32
N PHE A 33 12.74 -8.76 11.59
CA PHE A 33 11.54 -9.57 11.67
C PHE A 33 11.52 -10.27 13.02
N GLY A 34 10.47 -10.03 13.82
CA GLY A 34 10.26 -10.80 15.04
C GLY A 34 9.39 -10.12 16.08
N ARG A 35 8.63 -10.93 16.80
CA ARG A 35 7.72 -10.41 17.83
C ARG A 35 8.49 -9.75 18.97
N GLY A 36 8.12 -8.52 19.25
CA GLY A 36 8.83 -7.70 20.25
C GLY A 36 9.91 -6.80 19.66
N SER A 37 10.15 -6.91 18.36
CA SER A 37 11.30 -6.21 17.76
C SER A 37 11.15 -4.69 17.65
N PHE A 38 9.93 -4.16 17.84
CA PHE A 38 9.73 -2.72 17.94
C PHE A 38 10.71 -2.08 18.94
N VAL A 39 11.10 -2.83 19.97
CA VAL A 39 12.01 -2.32 20.98
C VAL A 39 13.36 -1.85 20.40
N GLN A 40 13.73 -2.36 19.23
CA GLN A 40 14.97 -1.95 18.57
C GLN A 40 14.91 -0.58 17.86
N LEU A 41 13.75 0.08 17.79
CA LEU A 41 13.62 1.29 16.97
C LEU A 41 14.57 2.40 17.47
N ASP A 42 14.69 2.54 18.78
CA ASP A 42 15.58 3.57 19.32
C ASP A 42 17.03 3.39 18.86
N THR A 43 17.55 2.17 18.95
CA THR A 43 18.91 1.83 18.49
C THR A 43 19.08 2.08 16.99
N VAL A 44 18.08 1.73 16.23
CA VAL A 44 18.08 1.97 14.80
C VAL A 44 18.15 3.48 14.51
N LEU A 45 17.33 4.26 15.18
CA LEU A 45 17.32 5.70 14.97
C LEU A 45 18.60 6.37 15.44
N GLU A 46 19.26 5.76 16.44
CA GLU A 46 20.45 6.36 17.01
C GLU A 46 21.57 6.36 15.99
N GLN A 47 21.60 5.38 15.10
CA GLN A 47 22.58 5.37 14.00
C GLN A 47 22.39 6.52 13.02
N GLU A 48 21.20 7.13 12.97
CA GLU A 48 20.97 8.26 12.08
C GLU A 48 21.18 9.60 12.76
N ARG A 49 21.09 9.66 14.10
CA ARG A 49 21.29 10.91 14.81
C ARG A 49 22.81 11.19 14.91
N THR A 50 23.32 12.07 14.06
CA THR A 50 24.75 12.38 14.07
C THR A 50 25.12 13.66 14.85
N ASP A 51 24.15 14.54 15.13
CA ASP A 51 24.32 15.73 15.99
C ASP A 51 23.44 15.66 17.23
N ALA A 52 23.76 16.52 18.20
CA ALA A 52 22.90 16.72 19.38
C ALA A 52 21.52 17.23 18.96
N ASN A 53 21.47 18.12 17.97
N ASN A 53 21.53 18.09 17.93
CA ASN A 53 20.21 18.73 17.52
CA ASN A 53 20.35 18.78 17.44
C ASN A 53 19.56 18.07 16.29
C ASN A 53 19.38 17.92 16.57
N ASP A 54 19.85 16.79 16.05
CA ASP A 54 19.10 16.04 15.02
C ASP A 54 17.76 15.54 15.55
N PHE A 55 16.71 15.60 14.73
CA PHE A 55 15.42 15.12 15.17
C PHE A 55 14.83 14.13 14.17
N VAL A 56 13.83 13.41 14.64
CA VAL A 56 13.12 12.40 13.88
C VAL A 56 11.65 12.80 13.88
N VAL A 57 10.96 12.54 12.78
CA VAL A 57 9.52 12.68 12.67
C VAL A 57 8.91 11.27 12.79
N PHE A 58 7.99 11.11 13.73
CA PHE A 58 7.23 9.86 13.87
C PHE A 58 5.82 10.15 13.42
N LEU A 59 5.37 9.50 12.36
CA LEU A 59 3.98 9.58 11.95
C LEU A 59 3.33 8.30 12.44
N VAL A 60 2.39 8.47 13.38
CA VAL A 60 1.78 7.37 14.09
C VAL A 60 0.27 7.40 13.85
N ASP A 61 -0.25 6.32 13.28
CA ASP A 61 -1.70 6.15 13.07
C ASP A 61 -2.39 6.48 14.40
N ASP A 62 -3.35 7.38 14.39
CA ASP A 62 -3.91 7.89 15.68
C ASP A 62 -4.79 6.88 16.39
N VAL A 63 -5.07 5.72 15.78
CA VAL A 63 -5.66 4.61 16.52
C VAL A 63 -4.79 4.27 17.72
N HIS A 64 -3.50 4.57 17.62
CA HIS A 64 -2.56 4.24 18.70
C HIS A 64 -2.42 5.32 19.75
N GLN A 65 -2.98 6.50 19.48
CA GLN A 65 -2.71 7.69 20.31
C GLN A 65 -2.99 7.45 21.81
N HIS A 66 -4.09 6.80 22.12
CA HIS A 66 -4.37 6.58 23.53
C HIS A 66 -4.14 5.14 23.95
N LYS A 67 -3.36 4.39 23.18
CA LYS A 67 -3.12 2.98 23.45
C LYS A 67 -1.69 2.81 23.98
N PRO A 68 -1.39 1.66 24.58
CA PRO A 68 -0.04 1.50 25.14
C PRO A 68 1.11 1.69 24.13
N LEU A 69 0.87 1.46 22.84
CA LEU A 69 1.95 1.55 21.83
C LEU A 69 2.47 2.97 21.73
N ALA A 70 1.62 3.97 21.90
CA ALA A 70 2.07 5.40 21.95
C ALA A 70 3.17 5.63 22.98
N ALA A 71 3.03 5.04 24.15
CA ALA A 71 3.99 5.27 25.23
C ALA A 71 5.33 4.57 24.93
N ARG A 72 5.35 3.62 24.01
CA ARG A 72 6.58 2.91 23.63
C ARG A 72 7.38 3.63 22.53
N VAL A 73 6.75 4.56 21.80
CA VAL A 73 7.42 5.32 20.76
C VAL A 73 8.59 6.05 21.42
N PRO A 74 9.84 5.83 20.91
CA PRO A 74 11.02 6.38 21.56
C PRO A 74 11.38 7.81 21.14
N ASN A 75 10.39 8.69 21.17
CA ASN A 75 10.64 10.10 20.85
C ASN A 75 11.46 10.82 21.90
N LYS A 76 12.49 11.53 21.46
CA LYS A 76 13.24 12.45 22.33
C LYS A 76 12.47 13.75 22.45
N ALA A 77 12.91 14.62 23.36
CA ALA A 77 12.21 15.89 23.63
C ALA A 77 12.09 16.80 22.39
N HIS A 78 13.12 16.77 21.54
CA HIS A 78 13.18 17.59 20.30
C HIS A 78 12.59 16.93 19.04
N ASP A 79 12.12 15.67 19.15
CA ASP A 79 11.53 14.95 18.02
C ASP A 79 10.11 15.44 17.78
N LEU A 80 9.54 15.13 16.63
CA LEU A 80 8.17 15.52 16.33
C LEU A 80 7.33 14.26 16.16
N VAL A 81 6.30 14.11 17.00
CA VAL A 81 5.32 13.03 16.87
C VAL A 81 4.03 13.63 16.37
N ILE A 82 3.55 13.10 15.24
CA ILE A 82 2.26 13.50 14.69
C ILE A 82 1.36 12.28 14.64
N TYR A 83 0.23 12.37 15.35
CA TYR A 83 -0.79 11.32 15.30
C TYR A 83 -1.67 11.61 14.12
N VAL A 84 -1.52 10.81 13.06
CA VAL A 84 -2.16 11.08 11.78
C VAL A 84 -3.52 10.38 11.68
N ASN A 85 -4.40 11.04 10.96
CA ASN A 85 -5.77 10.60 10.79
C ASN A 85 -5.95 9.97 9.44
N VAL A 86 -6.10 8.65 9.44
CA VAL A 86 -6.34 7.93 8.20
C VAL A 86 -7.79 7.47 8.05
N ASP A 87 -8.72 8.16 8.73
CA ASP A 87 -10.17 7.85 8.56
C ASP A 87 -10.56 8.00 7.10
N ASP A 88 -9.94 8.94 6.39
CA ASP A 88 -9.91 8.90 4.92
C ASP A 88 -8.49 8.58 4.45
N GLU A 89 -8.37 7.94 3.29
CA GLU A 89 -7.06 7.47 2.83
C GLU A 89 -6.22 8.66 2.34
N PRO A 90 -4.90 8.47 2.21
CA PRO A 90 -4.03 9.61 1.99
C PRO A 90 -4.37 10.44 0.78
N THR A 91 -4.33 11.76 0.94
CA THR A 91 -4.53 12.68 -0.18
C THR A 91 -3.27 13.51 -0.35
N THR A 92 -3.15 14.18 -1.49
CA THR A 92 -2.05 15.06 -1.73
C THR A 92 -2.12 16.28 -0.85
N VAL A 93 -3.34 16.75 -0.56
CA VAL A 93 -3.56 17.84 0.41
C VAL A 93 -3.00 17.45 1.79
N GLN A 94 -3.32 16.26 2.27
CA GLN A 94 -2.80 15.81 3.59
C GLN A 94 -1.29 15.69 3.60
N VAL A 95 -0.72 15.11 2.54
CA VAL A 95 0.75 15.00 2.48
C VAL A 95 1.42 16.38 2.50
N ASP A 96 0.86 17.31 1.74
CA ASP A 96 1.36 18.68 1.73
C ASP A 96 1.22 19.37 3.11
N GLU A 97 0.14 19.09 3.83
N GLU A 97 0.12 19.10 3.84
CA GLU A 97 -0.09 19.70 5.12
CA GLU A 97 -0.09 19.68 5.18
C GLU A 97 0.89 19.13 6.18
C GLU A 97 0.98 19.15 6.11
N LEU A 98 1.16 17.83 6.13
CA LEU A 98 2.10 17.21 7.07
C LEU A 98 3.52 17.66 6.77
N THR A 99 3.86 17.74 5.49
CA THR A 99 5.17 18.25 5.09
C THR A 99 5.37 19.70 5.58
N ALA A 100 4.34 20.55 5.45
CA ALA A 100 4.42 21.93 5.98
C ALA A 100 4.57 21.93 7.48
N GLN A 101 3.90 21.02 8.17
N GLN A 101 3.91 21.01 8.18
CA GLN A 101 4.05 20.91 9.63
CA GLN A 101 4.06 20.93 9.64
C GLN A 101 5.48 20.64 10.03
C GLN A 101 5.48 20.62 10.05
N VAL A 102 6.13 19.71 9.32
CA VAL A 102 7.52 19.34 9.65
C VAL A 102 8.43 20.55 9.46
N LYS A 103 8.24 21.26 8.36
CA LYS A 103 9.07 22.43 8.03
C LYS A 103 8.86 23.59 8.99
N ALA A 104 7.64 23.81 9.45
CA ALA A 104 7.35 24.85 10.43
C ALA A 104 7.91 24.46 11.80
N PHE A 105 7.93 23.17 12.12
CA PHE A 105 8.48 22.73 13.42
C PHE A 105 10.00 22.95 13.52
N ASN A 106 10.72 22.67 12.44
CA ASN A 106 12.19 22.79 12.41
C ASN A 106 12.62 22.84 10.96
N THR A 107 13.36 23.86 10.56
CA THR A 107 13.74 24.01 9.15
C THR A 107 14.82 23.02 8.73
N LYS A 108 15.52 22.47 9.74
CA LYS A 108 16.53 21.46 9.49
C LYS A 108 15.82 20.19 9.06
N LEU A 109 16.39 19.49 8.07
CA LEU A 109 15.82 18.20 7.68
C LEU A 109 15.93 17.24 8.87
N PRO A 110 14.86 16.47 9.14
CA PRO A 110 14.97 15.40 10.10
C PRO A 110 15.91 14.33 9.55
N VAL A 111 16.47 13.49 10.44
CA VAL A 111 17.35 12.41 10.02
C VAL A 111 16.59 11.14 9.70
N SER A 112 15.30 11.09 10.04
CA SER A 112 14.43 10.01 9.61
C SER A 112 12.96 10.37 9.75
N VAL A 113 12.14 9.70 8.96
CA VAL A 113 10.69 9.82 9.08
C VAL A 113 10.20 8.39 9.26
N VAL A 114 9.45 8.15 10.35
CA VAL A 114 8.97 6.84 10.70
C VAL A 114 7.48 6.78 10.48
N GLY A 115 7.05 5.70 9.84
CA GLY A 115 5.62 5.47 9.64
C GLY A 115 5.23 4.25 10.46
N LEU A 116 4.42 4.48 11.48
CA LEU A 116 3.94 3.44 12.38
C LEU A 116 2.45 3.30 12.21
N GLY A 117 2.04 2.34 11.38
CA GLY A 117 0.63 2.15 11.10
C GLY A 117 0.42 1.17 9.95
N GLY A 118 -0.72 1.30 9.30
CA GLY A 118 -1.01 0.48 8.15
C GLY A 118 -0.49 1.13 6.88
N GLY A 119 -1.07 0.69 5.78
CA GLY A 119 -0.64 1.15 4.46
C GLY A 119 -0.77 2.66 4.32
N SER A 120 -1.84 3.21 4.87
CA SER A 120 -2.11 4.62 4.79
C SER A 120 -1.01 5.42 5.48
N THR A 121 -0.66 5.02 6.70
CA THR A 121 0.36 5.73 7.48
C THR A 121 1.74 5.55 6.84
N MSE A 122 2.07 4.34 6.46
CA MSE A 122 3.33 4.06 5.74
C MSE A 122 3.48 4.91 4.48
O MSE A 122 4.53 5.48 4.23
CB MSE A 122 3.47 2.58 5.47
CG MSE A 122 3.82 1.78 6.74
SE MSE A 122 4.31 -0.03 6.43
CE MSE A 122 2.63 -0.86 6.04
N ASP A 123 2.40 5.03 3.72
CA ASP A 123 2.46 5.85 2.52
C ASP A 123 2.59 7.34 2.82
N LEU A 124 1.96 7.82 3.90
CA LEU A 124 2.18 9.16 4.36
C LEU A 124 3.67 9.41 4.71
N ALA A 125 4.29 8.46 5.42
CA ALA A 125 5.69 8.61 5.79
C ALA A 125 6.57 8.62 4.54
N LYS A 126 6.29 7.73 3.60
CA LYS A 126 7.04 7.73 2.34
C LYS A 126 6.87 9.10 1.66
N ALA A 127 5.64 9.58 1.55
CA ALA A 127 5.38 10.79 0.78
C ALA A 127 6.02 12.02 1.44
N VAL A 128 5.89 12.15 2.76
CA VAL A 128 6.50 13.25 3.51
C VAL A 128 8.04 13.21 3.39
N SER A 129 8.62 12.01 3.49
CA SER A 129 10.04 11.88 3.39
C SER A 129 10.53 12.37 2.02
N LEU A 130 9.68 12.21 1.01
CA LEU A 130 9.96 12.71 -0.33
C LEU A 130 9.75 14.21 -0.50
N MSE A 131 8.65 14.74 0.04
CA MSE A 131 8.28 16.12 -0.20
C MSE A 131 9.15 17.08 0.60
O MSE A 131 9.25 18.25 0.25
CB MSE A 131 6.82 16.36 0.09
CG MSE A 131 5.87 15.64 -0.86
SE MSE A 131 6.31 15.88 -2.73
CE MSE A 131 7.05 14.27 -3.00
N LEU A 132 9.82 16.57 1.62
CA LEU A 132 10.81 17.37 2.34
C LEU A 132 12.00 17.78 1.49
N THR A 133 12.34 17.01 0.45
CA THR A 133 13.52 17.27 -0.40
C THR A 133 13.13 17.53 -1.88
N ASN A 134 11.84 17.59 -2.18
CA ASN A 134 11.39 17.83 -3.54
C ASN A 134 10.32 18.91 -3.56
N PRO A 135 10.47 19.92 -4.41
CA PRO A 135 9.60 21.10 -4.30
C PRO A 135 8.22 20.92 -4.92
N GLY A 136 7.26 21.68 -4.40
CA GLY A 136 5.91 21.69 -4.95
C GLY A 136 4.97 20.75 -4.21
N SER A 137 3.77 20.61 -4.74
CA SER A 137 2.76 19.72 -4.20
C SER A 137 3.06 18.28 -4.59
N SER A 138 2.69 17.37 -3.70
CA SER A 138 2.79 15.92 -3.99
C SER A 138 2.01 15.54 -5.26
N SER A 139 1.04 16.33 -5.65
CA SER A 139 0.29 16.08 -6.87
C SER A 139 1.19 16.12 -8.12
N GLU A 140 2.26 16.91 -8.05
CA GLU A 140 3.19 17.03 -9.20
CA GLU A 140 3.17 17.06 -9.19
C GLU A 140 4.07 15.82 -9.37
N TYR A 141 4.03 14.89 -8.41
CA TYR A 141 4.85 13.67 -8.47
C TYR A 141 4.05 12.36 -8.62
N GLN A 142 2.73 12.46 -8.64
CA GLN A 142 1.89 11.30 -8.94
C GLN A 142 2.21 10.81 -10.33
N GLY A 143 2.70 9.58 -10.44
CA GLY A 143 3.17 9.05 -11.72
C GLY A 143 4.42 8.22 -11.55
N TRP A 144 5.19 8.09 -12.63
CA TRP A 144 6.38 7.23 -12.64
C TRP A 144 7.68 7.98 -12.75
N ASP A 145 8.57 7.73 -11.78
N ASP A 145 8.56 7.74 -11.78
CA ASP A 145 9.92 8.27 -11.77
CA ASP A 145 9.91 8.30 -11.76
C ASP A 145 9.97 9.80 -11.96
C ASP A 145 9.96 9.81 -11.97
N LEU A 146 9.06 10.53 -11.30
CA LEU A 146 9.06 12.00 -11.37
C LEU A 146 9.92 12.65 -10.28
N ILE A 147 10.28 11.87 -9.26
N ILE A 147 10.33 11.86 -9.30
CA ILE A 147 11.09 12.34 -8.15
CA ILE A 147 11.08 12.38 -8.17
C ILE A 147 12.55 12.36 -8.55
C ILE A 147 12.56 12.35 -8.51
N LYS A 148 13.21 13.51 -8.40
CA LYS A 148 14.60 13.65 -8.83
C LYS A 148 15.60 13.84 -7.70
N ASN A 149 15.15 14.18 -6.49
CA ASN A 149 16.05 14.26 -5.33
C ASN A 149 15.74 13.13 -4.33
N PRO A 150 16.79 12.51 -3.75
CA PRO A 150 16.56 11.45 -2.78
C PRO A 150 15.70 11.91 -1.59
N ALA A 151 14.90 10.99 -1.06
CA ALA A 151 14.08 11.22 0.11
C ALA A 151 14.94 11.29 1.36
N VAL A 152 14.37 11.84 2.42
CA VAL A 152 14.92 11.69 3.73
C VAL A 152 14.84 10.21 4.09
N HIS A 153 15.82 9.73 4.85
CA HIS A 153 15.77 8.37 5.38
C HIS A 153 14.41 8.07 6.02
N HIS A 154 13.81 6.93 5.70
CA HIS A 154 12.51 6.62 6.28
C HIS A 154 12.33 5.15 6.59
N ILE A 155 11.55 4.90 7.65
CA ILE A 155 11.36 3.58 8.27
C ILE A 155 9.89 3.20 8.30
N GLY A 156 9.60 1.96 7.90
CA GLY A 156 8.23 1.43 7.87
C GLY A 156 8.03 0.37 8.93
N ILE A 157 6.95 0.52 9.71
CA ILE A 157 6.63 -0.38 10.84
C ILE A 157 5.13 -0.70 10.78
N PRO A 158 4.78 -1.84 10.15
CA PRO A 158 3.35 -2.13 9.95
C PRO A 158 2.63 -2.44 11.25
N THR A 159 1.45 -1.86 11.42
CA THR A 159 0.56 -2.27 12.52
C THR A 159 -0.75 -2.86 11.98
N VAL A 160 -0.84 -2.97 10.65
CA VAL A 160 -1.81 -3.83 9.98
C VAL A 160 -1.08 -4.48 8.80
N SER A 161 -1.33 -5.76 8.56
CA SER A 161 -0.56 -6.51 7.58
C SER A 161 -1.37 -6.90 6.37
N GLY A 162 -0.79 -6.65 5.19
CA GLY A 162 -1.34 -7.18 3.97
C GLY A 162 -1.15 -6.31 2.74
N THR A 163 -1.08 -4.99 2.91
CA THR A 163 -0.89 -4.13 1.74
C THR A 163 0.43 -4.34 0.99
N GLY A 164 1.49 -4.76 1.66
CA GLY A 164 2.80 -4.82 1.01
C GLY A 164 3.43 -3.43 0.85
N ALA A 165 2.85 -2.42 1.49
CA ALA A 165 3.33 -1.06 1.39
C ALA A 165 4.73 -0.96 1.98
N GLU A 166 5.02 -1.83 2.94
CA GLU A 166 6.30 -1.86 3.56
C GLU A 166 7.41 -2.19 2.57
N ALA A 167 7.08 -2.93 1.50
CA ALA A 167 8.10 -3.45 0.55
C ALA A 167 8.15 -2.71 -0.79
N SER A 168 7.18 -1.85 -1.07
CA SER A 168 6.96 -1.32 -2.41
C SER A 168 7.68 -0.01 -2.70
N ARG A 169 7.66 0.37 -3.99
CA ARG A 169 8.25 1.63 -4.45
C ARG A 169 7.22 2.69 -4.74
N THR A 170 6.05 2.59 -4.12
CA THR A 170 5.02 3.58 -4.33
C THR A 170 4.35 4.00 -3.04
N ALA A 171 3.65 5.13 -3.11
CA ALA A 171 2.92 5.71 -1.98
C ALA A 171 1.66 6.25 -2.63
N VAL A 172 0.53 5.61 -2.34
CA VAL A 172 -0.68 5.82 -3.12
C VAL A 172 -1.45 6.97 -2.51
N LEU A 173 -1.79 7.96 -3.32
CA LEU A 173 -2.45 9.18 -2.86
C LEU A 173 -3.65 9.50 -3.74
N CYS A 174 -4.70 10.02 -3.12
CA CYS A 174 -5.81 10.67 -3.85
C CYS A 174 -5.43 12.15 -4.09
N GLY A 175 -5.20 12.47 -5.35
CA GLY A 175 -4.86 13.84 -5.75
C GLY A 175 -6.04 14.58 -6.36
N PRO A 176 -5.75 15.73 -6.99
CA PRO A 176 -6.76 16.53 -7.69
C PRO A 176 -7.53 15.77 -8.74
N VAL A 177 -6.91 14.81 -9.40
CA VAL A 177 -7.54 14.14 -10.53
C VAL A 177 -7.80 12.67 -10.27
N ARG A 178 -6.83 11.98 -9.66
CA ARG A 178 -6.95 10.53 -9.48
C ARG A 178 -6.21 9.99 -8.26
N LYS A 179 -6.50 8.73 -7.95
CA LYS A 179 -5.72 7.93 -7.02
C LYS A 179 -4.55 7.41 -7.85
N LEU A 180 -3.33 7.82 -7.49
CA LEU A 180 -2.13 7.39 -8.19
C LEU A 180 -0.94 7.61 -7.25
N GLY A 181 0.04 6.74 -7.36
CA GLY A 181 1.14 6.70 -6.41
C GLY A 181 2.34 7.52 -6.85
N LEU A 182 3.20 7.81 -5.87
CA LEU A 182 4.52 8.38 -6.11
C LEU A 182 5.47 7.22 -6.36
N ASN A 183 5.55 6.77 -7.61
CA ASN A 183 6.34 5.60 -7.97
C ASN A 183 7.75 6.03 -8.23
N SER A 184 8.70 5.53 -7.45
CA SER A 184 10.10 5.92 -7.61
C SER A 184 10.97 5.04 -6.75
N ASP A 185 12.18 4.77 -7.21
CA ASP A 185 13.15 4.07 -6.39
C ASP A 185 13.37 4.82 -5.08
N TYR A 186 13.22 6.15 -5.09
CA TYR A 186 13.43 6.94 -3.89
C TYR A 186 12.35 6.75 -2.83
N THR A 187 11.21 6.23 -3.24
CA THR A 187 10.08 6.04 -2.35
C THR A 187 10.29 4.89 -1.36
N VAL A 188 11.15 3.94 -1.72
CA VAL A 188 11.32 2.71 -0.98
C VAL A 188 11.85 3.00 0.42
N PHE A 189 11.33 2.29 1.41
CA PHE A 189 11.83 2.44 2.78
C PHE A 189 13.30 2.05 2.88
N ASP A 190 14.07 2.78 3.69
CA ASP A 190 15.42 2.43 4.03
C ASP A 190 15.50 1.28 5.02
N GLN A 191 14.47 1.14 5.84
CA GLN A 191 14.44 0.15 6.91
C GLN A 191 13.01 -0.22 7.19
N ILE A 192 12.74 -1.51 7.42
CA ILE A 192 11.44 -1.88 7.96
C ILE A 192 11.58 -2.75 9.22
N ILE A 193 10.60 -2.65 10.11
CA ILE A 193 10.54 -3.50 11.30
C ILE A 193 9.21 -4.19 11.27
N MSE A 194 9.24 -5.54 11.25
CA MSE A 194 8.03 -6.36 11.14
C MSE A 194 7.88 -7.12 12.47
O MSE A 194 8.49 -8.17 12.66
CB MSE A 194 8.17 -7.33 9.94
CG MSE A 194 8.03 -6.64 8.57
SE MSE A 194 8.46 -7.82 7.06
CE MSE A 194 10.37 -7.90 7.34
N ASP A 195 7.09 -6.53 13.39
CA ASP A 195 6.87 -7.04 14.72
C ASP A 195 5.40 -7.39 14.83
N SER A 196 5.06 -8.67 14.77
CA SER A 196 3.64 -9.03 14.62
C SER A 196 2.84 -8.82 15.90
N GLU A 197 3.50 -8.59 17.04
CA GLU A 197 2.78 -8.12 18.25
C GLU A 197 2.01 -6.86 17.93
N LEU A 198 2.52 -6.04 17.03
CA LEU A 198 1.91 -4.74 16.73
C LEU A 198 0.61 -4.84 15.95
N ILE A 199 0.33 -5.97 15.34
CA ILE A 199 -0.96 -6.11 14.63
C ILE A 199 -2.05 -6.75 15.52
N ALA A 200 -1.72 -6.97 16.79
CA ALA A 200 -2.62 -7.73 17.71
C ALA A 200 -4.10 -7.26 17.69
N GLY A 201 -4.31 -5.98 17.93
CA GLY A 201 -5.66 -5.43 18.15
C GLY A 201 -6.41 -4.90 16.93
N VAL A 202 -5.99 -5.32 15.73
CA VAL A 202 -6.73 -4.98 14.52
C VAL A 202 -8.07 -5.71 14.55
N PRO A 203 -9.19 -4.97 14.43
CA PRO A 203 -10.49 -5.65 14.36
C PRO A 203 -10.52 -6.74 13.30
N THR A 204 -11.28 -7.79 13.54
CA THR A 204 -11.38 -8.92 12.64
C THR A 204 -11.70 -8.56 11.19
N ASP A 205 -12.67 -7.68 10.96
CA ASP A 205 -13.00 -7.38 9.58
C ASP A 205 -11.87 -6.63 8.85
N GLN A 206 -11.18 -5.72 9.55
CA GLN A 206 -10.09 -4.98 8.92
C GLN A 206 -8.93 -5.93 8.63
N TRP A 207 -8.66 -6.84 9.57
CA TRP A 207 -7.68 -7.90 9.43
C TRP A 207 -7.95 -8.73 8.21
N PHE A 208 -9.23 -9.05 8.00
CA PHE A 208 -9.64 -9.80 6.85
C PHE A 208 -9.49 -8.98 5.57
N TYR A 209 -10.05 -7.78 5.56
CA TYR A 209 -9.99 -6.95 4.33
C TYR A 209 -8.55 -6.61 3.83
N THR A 210 -7.67 -6.24 4.75
CA THR A 210 -6.30 -5.87 4.39
C THR A 210 -5.53 -7.14 4.01
N GLY A 211 -5.85 -8.23 4.69
CA GLY A 211 -5.26 -9.51 4.33
C GLY A 211 -5.66 -9.95 2.93
N MSE A 212 -6.91 -9.67 2.54
CA MSE A 212 -7.36 -10.01 1.19
C MSE A 212 -6.72 -9.11 0.14
O MSE A 212 -6.68 -9.49 -1.03
CB MSE A 212 -8.88 -9.90 1.06
CG MSE A 212 -9.68 -10.99 1.78
SE MSE A 212 -9.20 -12.78 1.23
CE MSE A 212 -8.08 -13.19 2.77
N ASP A 213 -6.25 -7.94 0.53
CA ASP A 213 -5.46 -7.13 -0.38
C ASP A 213 -4.25 -7.94 -0.86
N CYS A 214 -3.55 -8.53 0.09
CA CYS A 214 -2.43 -9.44 -0.19
C CYS A 214 -2.85 -10.61 -1.09
N PHE A 215 -3.92 -11.32 -0.69
CA PHE A 215 -4.41 -12.46 -1.46
C PHE A 215 -4.69 -12.05 -2.90
N ILE A 216 -5.41 -10.96 -3.06
CA ILE A 216 -5.81 -10.46 -4.36
C ILE A 216 -4.58 -9.98 -5.17
N HIS A 217 -3.55 -9.45 -4.48
CA HIS A 217 -2.32 -9.08 -5.18
C HIS A 217 -1.80 -10.34 -5.91
N CYS A 218 -1.72 -11.43 -5.15
CA CYS A 218 -1.16 -12.66 -5.63
C CYS A 218 -1.94 -13.18 -6.83
N VAL A 219 -3.26 -13.17 -6.73
CA VAL A 219 -4.11 -13.69 -7.79
C VAL A 219 -3.94 -12.88 -9.08
N GLU A 220 -3.93 -11.56 -8.96
CA GLU A 220 -3.84 -10.68 -10.09
C GLU A 220 -2.46 -10.75 -10.74
N SER A 221 -1.42 -10.86 -9.92
CA SER A 221 -0.07 -11.06 -10.44
C SER A 221 0.03 -12.38 -11.22
N LEU A 222 -0.51 -13.46 -10.64
CA LEU A 222 -0.36 -14.80 -11.23
C LEU A 222 -1.16 -15.00 -12.51
N GLN A 223 -2.23 -14.25 -12.68
CA GLN A 223 -3.01 -14.29 -13.90
C GLN A 223 -2.42 -13.42 -15.01
N GLY A 224 -1.56 -12.48 -14.66
CA GLY A 224 -1.21 -11.40 -15.57
C GLY A 224 -0.13 -11.71 -16.61
N THR A 225 0.00 -10.82 -17.59
CA THR A 225 0.97 -10.93 -18.69
C THR A 225 2.34 -10.39 -18.29
N TYR A 226 2.41 -9.59 -17.22
CA TYR A 226 3.69 -9.11 -16.66
C TYR A 226 4.43 -10.15 -15.81
N LEU A 227 3.93 -11.37 -15.70
CA LEU A 227 4.54 -12.32 -14.76
C LEU A 227 5.92 -12.82 -15.23
N ASN A 228 6.84 -12.98 -14.29
CA ASN A 228 8.13 -13.65 -14.50
C ASN A 228 8.31 -14.55 -13.28
N GLU A 229 9.36 -15.37 -13.25
N GLU A 229 9.37 -15.34 -13.25
CA GLU A 229 9.51 -16.34 -12.17
CA GLU A 229 9.52 -16.33 -12.19
C GLU A 229 9.78 -15.69 -10.80
C GLU A 229 9.80 -15.70 -10.82
N PHE A 230 10.34 -14.48 -10.81
CA PHE A 230 10.65 -13.78 -9.56
C PHE A 230 9.34 -13.38 -8.87
N ALA A 231 8.48 -12.67 -9.61
CA ALA A 231 7.16 -12.31 -9.11
C ALA A 231 6.34 -13.55 -8.79
N LYS A 232 6.51 -14.60 -9.59
CA LYS A 232 5.71 -15.80 -9.44
C LYS A 232 6.08 -16.55 -8.17
N ALA A 233 7.37 -16.68 -7.87
CA ALA A 233 7.76 -17.40 -6.66
C ALA A 233 7.22 -16.70 -5.41
N PHE A 234 7.31 -15.37 -5.40
CA PHE A 234 6.86 -14.58 -4.26
C PHE A 234 5.34 -14.66 -4.12
N ALA A 235 4.62 -14.49 -5.22
CA ALA A 235 3.16 -14.51 -5.18
C ALA A 235 2.60 -15.85 -4.77
N GLU A 236 3.20 -16.94 -5.22
CA GLU A 236 2.71 -18.27 -4.84
C GLU A 236 2.93 -18.56 -3.37
N LYS A 237 4.09 -18.18 -2.82
CA LYS A 237 4.32 -18.48 -1.42
C LYS A 237 3.48 -17.56 -0.56
N SER A 238 3.32 -16.32 -0.99
CA SER A 238 2.46 -15.37 -0.29
C SER A 238 1.04 -15.92 -0.22
N MSE A 239 0.53 -16.39 -1.35
CA MSE A 239 -0.82 -16.93 -1.41
C MSE A 239 -0.98 -18.17 -0.50
O MSE A 239 -1.97 -18.30 0.21
CB MSE A 239 -1.20 -17.22 -2.86
CG MSE A 239 -2.67 -17.48 -3.09
SE MSE A 239 -3.08 -17.47 -4.99
CE MSE A 239 -2.17 -19.14 -5.40
N ASP A 240 0.02 -19.04 -0.47
CA ASP A 240 0.01 -20.17 0.45
C ASP A 240 0.01 -19.74 1.91
N LEU A 241 0.75 -18.67 2.24
CA LEU A 241 0.75 -18.19 3.62
C LEU A 241 -0.64 -17.66 3.97
N CYS A 242 -1.27 -16.96 3.04
CA CYS A 242 -2.62 -16.45 3.24
C CYS A 242 -3.60 -17.59 3.56
N ARG A 243 -3.44 -18.72 2.88
CA ARG A 243 -4.28 -19.88 3.15
C ARG A 243 -4.02 -20.40 4.54
N GLU A 244 -2.76 -20.45 4.97
CA GLU A 244 -2.50 -20.88 6.33
C GLU A 244 -3.18 -19.94 7.34
N VAL A 245 -3.26 -18.65 7.01
CA VAL A 245 -3.79 -17.66 7.92
C VAL A 245 -5.32 -17.76 7.98
N TYR A 246 -5.97 -17.70 6.81
CA TYR A 246 -7.40 -17.55 6.71
C TYR A 246 -8.21 -18.86 6.59
N LEU A 247 -7.58 -19.94 6.11
CA LEU A 247 -8.24 -21.24 6.04
C LEU A 247 -7.84 -22.17 7.18
N ASP A 248 -6.55 -22.25 7.49
CA ASP A 248 -6.08 -23.24 8.47
C ASP A 248 -6.11 -22.75 9.90
N ASP A 249 -6.40 -21.47 10.09
CA ASP A 249 -6.35 -20.88 11.41
C ASP A 249 -5.04 -21.20 12.15
N HIS A 250 -3.92 -21.07 11.47
CA HIS A 250 -2.63 -21.46 12.05
C HIS A 250 -2.27 -20.66 13.31
N PRO A 251 -1.71 -21.32 14.33
CA PRO A 251 -1.38 -20.59 15.55
C PRO A 251 -0.36 -19.44 15.39
N GLU A 252 0.55 -19.55 14.42
N GLU A 252 0.51 -19.54 14.39
CA GLU A 252 1.51 -18.49 14.12
CA GLU A 252 1.50 -18.52 14.08
C GLU A 252 1.01 -17.63 12.95
C GLU A 252 1.01 -17.61 12.96
N LYS A 253 -0.30 -17.45 12.86
CA LYS A 253 -0.89 -16.69 11.76
C LYS A 253 -0.46 -15.22 11.70
N ASP A 254 -0.04 -14.66 12.82
CA ASP A 254 0.36 -13.28 12.81
C ASP A 254 1.72 -13.09 12.10
N ASP A 255 2.72 -13.87 12.45
CA ASP A 255 3.99 -13.86 11.75
C ASP A 255 3.78 -14.27 10.28
N LYS A 256 2.92 -15.26 10.03
CA LYS A 256 2.67 -15.74 8.68
C LYS A 256 2.03 -14.64 7.83
N LEU A 257 1.07 -13.93 8.37
CA LEU A 257 0.42 -12.87 7.59
C LEU A 257 1.42 -11.74 7.29
N MSE A 258 2.34 -11.44 8.23
CA MSE A 258 3.33 -10.41 7.98
C MSE A 258 4.27 -10.85 6.85
O MSE A 258 4.63 -10.03 6.01
CB MSE A 258 4.21 -10.10 9.20
CG MSE A 258 3.55 -9.40 10.31
SE MSE A 258 4.76 -8.19 11.25
CE MSE A 258 3.51 -6.74 11.08
N MSE A 259 4.66 -12.11 6.83
CA MSE A 259 5.48 -12.60 5.70
C MSE A 259 4.71 -12.56 4.39
O MSE A 259 5.26 -12.18 3.37
CB MSE A 259 6.01 -14.00 5.90
CG MSE A 259 7.21 -14.05 6.73
SE MSE A 259 8.61 -12.83 6.24
CE MSE A 259 9.07 -13.59 4.60
N ALA A 260 3.44 -12.96 4.40
CA ALA A 260 2.63 -12.91 3.19
C ALA A 260 2.58 -11.50 2.61
N SER A 261 2.33 -10.52 3.47
CA SER A 261 2.26 -9.11 3.07
C SER A 261 3.54 -8.66 2.36
N TYR A 262 4.67 -8.94 3.00
CA TYR A 262 5.97 -8.56 2.47
C TYR A 262 6.24 -9.26 1.14
N MSE A 263 6.04 -10.57 1.10
CA MSE A 263 6.32 -11.34 -0.12
C MSE A 263 5.35 -10.90 -1.23
O MSE A 263 5.73 -10.84 -2.40
CB MSE A 263 6.21 -12.84 0.16
CG MSE A 263 7.38 -13.39 0.95
SE MSE A 263 7.24 -15.30 1.11
CE MSE A 263 8.98 -15.75 0.63
N GLY A 264 4.14 -10.52 -0.85
CA GLY A 264 3.17 -10.04 -1.82
C GLY A 264 3.60 -8.71 -2.39
N GLY A 265 4.17 -7.85 -1.54
CA GLY A 265 4.72 -6.60 -2.01
C GLY A 265 5.92 -6.80 -2.93
N MSE A 266 6.79 -7.73 -2.60
CA MSE A 266 7.91 -8.06 -3.47
C MSE A 266 7.44 -8.55 -4.84
O MSE A 266 8.07 -8.27 -5.85
CB MSE A 266 8.78 -9.16 -2.85
CG MSE A 266 9.54 -8.75 -1.60
SE MSE A 266 10.85 -7.40 -1.88
CE MSE A 266 12.29 -8.57 -2.46
N SER A 267 6.33 -9.28 -4.87
CA SER A 267 5.78 -9.82 -6.09
C SER A 267 5.29 -8.72 -7.04
N ILE A 268 4.45 -7.85 -6.51
CA ILE A 268 3.85 -6.75 -7.26
C ILE A 268 4.94 -5.84 -7.75
N ALA A 269 5.97 -5.69 -6.92
CA ALA A 269 7.09 -4.84 -7.28
C ALA A 269 7.80 -5.32 -8.56
N TYR A 270 7.85 -6.65 -8.79
CA TYR A 270 8.39 -7.20 -10.06
C TYR A 270 7.33 -7.71 -11.05
N SER A 271 6.08 -7.26 -10.91
CA SER A 271 4.97 -7.62 -11.82
C SER A 271 3.94 -6.48 -11.85
N GLN A 272 2.65 -6.77 -11.69
CA GLN A 272 1.66 -5.68 -11.59
C GLN A 272 0.36 -6.23 -10.96
N VAL A 273 -0.45 -5.34 -10.37
CA VAL A 273 -1.84 -5.69 -9.99
C VAL A 273 -2.72 -5.68 -11.27
N GLY A 274 -4.05 -5.73 -11.14
CA GLY A 274 -4.92 -6.01 -12.29
C GLY A 274 -6.33 -5.40 -12.27
N ALA A 275 -7.30 -6.18 -12.76
CA ALA A 275 -8.69 -5.72 -12.88
C ALA A 275 -9.33 -5.33 -11.52
N CYS A 276 -9.03 -6.09 -10.48
CA CYS A 276 -9.65 -5.84 -9.20
C CYS A 276 -9.13 -4.53 -8.60
N HIS A 277 -7.83 -4.28 -8.71
CA HIS A 277 -7.27 -3.02 -8.20
C HIS A 277 -7.76 -1.83 -9.03
N ALA A 278 -7.88 -2.04 -10.33
CA ALA A 278 -8.40 -1.03 -11.25
C ALA A 278 -9.76 -0.55 -10.77
N VAL A 279 -10.70 -1.48 -10.66
CA VAL A 279 -12.05 -1.20 -10.20
C VAL A 279 -12.09 -0.61 -8.78
N SER A 280 -11.34 -1.22 -7.87
CA SER A 280 -11.26 -0.72 -6.50
C SER A 280 -10.84 0.77 -6.40
N TYR A 281 -9.95 1.21 -7.28
CA TYR A 281 -9.47 2.60 -7.28
C TYR A 281 -10.57 3.59 -7.68
N GLY A 282 -11.48 3.14 -8.54
CA GLY A 282 -12.69 3.91 -8.85
C GLY A 282 -13.58 4.08 -7.63
N LEU A 283 -14.01 2.97 -7.04
CA LEU A 283 -14.81 3.00 -5.83
C LEU A 283 -14.16 3.88 -4.76
N GLY A 284 -12.84 3.78 -4.66
CA GLY A 284 -12.10 4.51 -3.62
C GLY A 284 -12.09 6.00 -3.87
N TYR A 285 -11.75 6.40 -5.09
CA TYR A 285 -11.62 7.83 -5.41
C TYR A 285 -12.96 8.56 -5.35
N VAL A 286 -13.97 7.98 -6.00
CA VAL A 286 -15.26 8.62 -6.14
C VAL A 286 -16.14 8.48 -4.87
N LEU A 287 -16.25 7.25 -4.34
CA LEU A 287 -17.19 6.98 -3.24
C LEU A 287 -16.52 6.95 -1.88
N GLY A 288 -15.19 6.86 -1.82
CA GLY A 288 -14.48 6.92 -0.55
C GLY A 288 -14.36 5.58 0.16
N TYR A 289 -14.70 4.49 -0.54
CA TYR A 289 -14.49 3.17 0.04
C TYR A 289 -13.00 2.96 0.22
N HIS A 290 -12.61 2.43 1.38
CA HIS A 290 -11.22 2.13 1.63
C HIS A 290 -10.75 0.95 0.79
N HIS A 291 -9.44 0.78 0.73
CA HIS A 291 -8.82 -0.10 -0.24
C HIS A 291 -9.12 -1.58 0.00
N GLY A 292 -8.91 -2.03 1.22
CA GLY A 292 -9.17 -3.44 1.58
C GLY A 292 -10.59 -3.87 1.20
N ILE A 293 -11.59 -3.19 1.77
CA ILE A 293 -12.99 -3.53 1.52
C ILE A 293 -13.38 -3.24 0.06
N GLY A 294 -12.84 -2.18 -0.52
CA GLY A 294 -13.13 -1.86 -1.93
C GLY A 294 -12.65 -2.94 -2.90
N ASN A 295 -11.47 -3.50 -2.62
CA ASN A 295 -10.96 -4.59 -3.44
C ASN A 295 -11.90 -5.79 -3.37
N CYS A 296 -12.39 -6.08 -2.16
CA CYS A 296 -13.23 -7.25 -1.95
C CYS A 296 -14.57 -7.06 -2.65
N LEU A 297 -15.09 -5.85 -2.58
CA LEU A 297 -16.30 -5.47 -3.32
C LEU A 297 -16.11 -5.73 -4.82
N ALA A 298 -14.98 -5.27 -5.37
CA ALA A 298 -14.65 -5.46 -6.79
C ALA A 298 -14.45 -6.93 -7.11
N PHE A 299 -13.69 -7.63 -6.28
CA PHE A 299 -13.34 -9.01 -6.54
C PHE A 299 -14.58 -9.88 -6.65
N ASP A 300 -15.60 -9.60 -5.84
CA ASP A 300 -16.81 -10.40 -5.81
C ASP A 300 -17.65 -10.28 -7.09
N VAL A 301 -17.34 -9.33 -7.96
CA VAL A 301 -18.00 -9.24 -9.26
C VAL A 301 -17.07 -9.59 -10.46
N LEU A 302 -15.86 -10.10 -10.17
CA LEU A 302 -14.87 -10.40 -11.21
C LEU A 302 -14.57 -11.90 -11.32
N GLU A 303 -15.58 -12.74 -11.12
CA GLU A 303 -15.42 -14.19 -11.20
C GLU A 303 -14.99 -14.71 -12.58
N GLU A 304 -15.40 -14.00 -13.64
CA GLU A 304 -15.01 -14.39 -14.99
C GLU A 304 -13.52 -14.14 -15.19
N PHE A 305 -12.97 -13.15 -14.51
CA PHE A 305 -11.54 -12.81 -14.61
C PHE A 305 -10.65 -13.75 -13.80
N TYR A 306 -11.08 -14.07 -12.57
CA TYR A 306 -10.28 -14.82 -11.62
C TYR A 306 -11.11 -15.89 -10.96
N PRO A 307 -11.57 -16.89 -11.74
CA PRO A 307 -12.57 -17.85 -11.24
C PRO A 307 -12.16 -18.57 -9.96
N GLU A 308 -10.95 -19.10 -9.93
CA GLU A 308 -10.46 -19.84 -8.77
C GLU A 308 -10.20 -18.96 -7.55
N GLY A 309 -9.68 -17.77 -7.79
CA GLY A 309 -9.37 -16.82 -6.74
C GLY A 309 -10.63 -16.39 -6.02
N VAL A 310 -11.66 -16.03 -6.79
CA VAL A 310 -12.92 -15.57 -6.25
C VAL A 310 -13.61 -16.69 -5.48
N ALA A 311 -13.53 -17.90 -6.01
CA ALA A 311 -14.14 -19.06 -5.33
C ALA A 311 -13.48 -19.25 -3.97
N GLU A 312 -12.16 -19.19 -3.95
CA GLU A 312 -11.43 -19.39 -2.70
C GLU A 312 -11.71 -18.26 -1.68
N PHE A 313 -11.86 -17.05 -2.19
CA PHE A 313 -12.07 -15.88 -1.38
C PHE A 313 -13.49 -15.90 -0.80
N ARG A 314 -14.45 -16.34 -1.60
CA ARG A 314 -15.80 -16.57 -1.12
C ARG A 314 -15.86 -17.58 0.01
N LYS A 315 -15.05 -18.60 -0.07
CA LYS A 315 -14.92 -19.58 1.01
C LYS A 315 -14.28 -18.96 2.28
N MSE A 316 -13.24 -18.15 2.09
CA MSE A 316 -12.62 -17.43 3.22
C MSE A 316 -13.62 -16.48 3.90
O MSE A 316 -13.68 -16.41 5.12
CB MSE A 316 -11.36 -16.66 2.77
CG MSE A 316 -10.22 -17.58 2.32
SE MSE A 316 -8.88 -16.60 1.35
CE MSE A 316 -7.48 -17.95 1.38
N MSE A 317 -14.40 -15.77 3.10
CA MSE A 317 -15.43 -14.89 3.64
C MSE A 317 -16.42 -15.65 4.53
O MSE A 317 -16.78 -15.17 5.60
CB MSE A 317 -16.17 -14.16 2.51
CG MSE A 317 -15.47 -12.96 1.98
SE MSE A 317 -16.62 -11.77 1.03
CE MSE A 317 -17.11 -12.93 -0.40
N GLU A 318 -16.85 -16.83 4.08
CA GLU A 318 -17.80 -17.62 4.83
C GLU A 318 -17.24 -18.00 6.20
N ILE A 319 -15.99 -18.45 6.24
CA ILE A 319 -15.35 -18.83 7.50
C ILE A 319 -15.29 -17.63 8.45
N HIS A 320 -14.98 -16.46 7.91
CA HIS A 320 -14.76 -15.28 8.76
C HIS A 320 -16.01 -14.40 8.87
N ASN A 321 -17.17 -14.98 8.54
CA ASN A 321 -18.46 -14.31 8.74
C ASN A 321 -18.54 -12.95 8.06
N ILE A 322 -17.93 -12.84 6.89
CA ILE A 322 -17.89 -11.58 6.17
C ILE A 322 -19.09 -11.47 5.25
N THR A 323 -19.87 -10.42 5.43
CA THR A 323 -20.96 -10.05 4.53
C THR A 323 -20.63 -8.70 3.93
N LEU A 324 -20.27 -8.70 2.66
CA LEU A 324 -19.97 -7.46 1.96
C LEU A 324 -21.24 -6.65 1.89
N PRO A 325 -21.15 -5.31 2.04
CA PRO A 325 -22.31 -4.48 1.75
C PRO A 325 -22.70 -4.59 0.30
N LYS A 326 -23.99 -4.55 0.00
CA LYS A 326 -24.48 -4.79 -1.36
C LYS A 326 -25.29 -3.59 -1.84
N ASN A 327 -25.55 -3.56 -3.15
CA ASN A 327 -26.31 -2.50 -3.80
C ASN A 327 -25.76 -1.10 -3.51
N ILE A 328 -24.44 -0.99 -3.54
CA ILE A 328 -23.76 0.28 -3.30
C ILE A 328 -24.01 1.20 -4.47
N CYS A 329 -23.92 0.62 -5.66
CA CYS A 329 -23.97 1.36 -6.92
C CYS A 329 -25.30 1.21 -7.65
N LYS A 330 -26.16 0.30 -7.19
CA LYS A 330 -27.44 0.03 -7.85
C LYS A 330 -28.26 1.28 -8.19
N ASP A 331 -28.43 2.19 -7.22
CA ASP A 331 -29.33 3.34 -7.40
C ASP A 331 -28.60 4.68 -7.48
N LEU A 332 -27.34 4.67 -7.93
CA LEU A 332 -26.59 5.91 -8.08
C LEU A 332 -26.81 6.52 -9.46
N PRO A 333 -26.67 7.86 -9.59
CA PRO A 333 -26.81 8.52 -10.89
C PRO A 333 -25.75 8.09 -11.89
N ASP A 334 -26.08 8.16 -13.17
CA ASP A 334 -25.14 7.82 -14.25
C ASP A 334 -23.87 8.64 -14.17
N GLU A 335 -24.02 9.90 -13.76
CA GLU A 335 -22.89 10.83 -13.64
C GLU A 335 -21.81 10.30 -12.67
N THR A 336 -22.27 9.74 -11.55
CA THR A 336 -21.39 9.18 -10.53
C THR A 336 -20.70 7.90 -10.99
N ILE A 337 -21.42 7.05 -11.72
CA ILE A 337 -20.84 5.86 -12.33
C ILE A 337 -19.79 6.22 -13.40
N ALA A 338 -20.10 7.25 -14.19
CA ALA A 338 -19.18 7.75 -15.22
C ALA A 338 -17.83 8.12 -14.61
N LYS A 339 -17.86 8.80 -13.47
CA LYS A 339 -16.62 9.20 -12.79
C LYS A 339 -15.78 7.97 -12.38
N MSE A 340 -16.44 6.91 -11.89
CA MSE A 340 -15.75 5.69 -11.46
C MSE A 340 -15.12 4.97 -12.65
O MSE A 340 -13.99 4.52 -12.56
CB MSE A 340 -16.71 4.73 -10.75
CG MSE A 340 -17.18 5.23 -9.41
SE MSE A 340 -18.35 4.00 -8.47
CE MSE A 340 -19.50 3.41 -9.90
N VAL A 341 -15.86 4.89 -13.76
CA VAL A 341 -15.36 4.28 -15.00
C VAL A 341 -14.16 5.06 -15.57
N ALA A 342 -14.20 6.38 -15.51
CA ALA A 342 -13.12 7.19 -16.02
C ALA A 342 -11.82 6.91 -15.26
N VAL A 343 -11.92 6.79 -13.93
CA VAL A 343 -10.75 6.53 -13.09
C VAL A 343 -10.19 5.12 -13.32
N THR A 344 -11.07 4.13 -13.41
CA THR A 344 -10.66 2.74 -13.58
C THR A 344 -10.00 2.53 -14.95
N LYS A 345 -10.62 3.07 -16.01
CA LYS A 345 -10.07 3.01 -17.38
C LYS A 345 -8.67 3.61 -17.53
N SER A 346 -8.38 4.65 -16.77
CA SER A 346 -7.08 5.33 -16.85
C SER A 346 -5.90 4.52 -16.28
N MSE A 347 -6.18 3.38 -15.63
CA MSE A 347 -5.13 2.52 -15.06
C MSE A 347 -4.53 1.59 -16.14
O MSE A 347 -4.79 0.39 -16.15
CB MSE A 347 -5.67 1.69 -13.88
CG MSE A 347 -6.37 2.46 -12.77
SE MSE A 347 -5.39 3.94 -12.02
CE MSE A 347 -3.82 3.07 -11.25
N GLY A 348 -3.71 2.16 -17.04
CA GLY A 348 -3.22 1.43 -18.24
C GLY A 348 -2.39 0.17 -18.00
N PRO A 349 -1.31 0.30 -17.18
CA PRO A 349 -0.47 -0.82 -16.77
C PRO A 349 -1.25 -1.99 -16.14
N LEU A 350 -2.30 -1.71 -15.39
CA LEU A 350 -3.12 -2.75 -14.75
C LEU A 350 -3.91 -3.55 -15.81
N TRP A 351 -4.50 -2.86 -16.76
CA TRP A 351 -5.30 -3.53 -17.80
C TRP A 351 -4.40 -4.19 -18.82
N ASP A 352 -3.20 -3.63 -19.01
CA ASP A 352 -2.16 -4.28 -19.83
C ASP A 352 -1.78 -5.62 -19.21
N ASN A 353 -1.65 -5.63 -17.87
CA ASN A 353 -1.37 -6.87 -17.15
C ASN A 353 -2.48 -7.87 -17.36
N VAL A 354 -3.72 -7.41 -17.30
CA VAL A 354 -4.87 -8.32 -17.40
C VAL A 354 -5.02 -8.90 -18.80
N TYR A 355 -4.92 -8.04 -19.81
CA TYR A 355 -5.32 -8.38 -21.19
C TYR A 355 -4.14 -8.53 -22.19
N GLY A 356 -3.06 -7.78 -21.95
CA GLY A 356 -1.91 -7.76 -22.86
C GLY A 356 -2.07 -6.65 -23.88
N LYS A 357 -1.30 -6.71 -24.97
CA LYS A 357 -1.42 -5.74 -26.07
C LYS A 357 -2.84 -5.87 -26.69
N GLY A 358 -3.46 -4.73 -26.98
CA GLY A 358 -4.86 -4.67 -27.45
C GLY A 358 -5.90 -4.58 -26.34
N TRP A 359 -5.48 -4.04 -25.17
CA TRP A 359 -6.34 -3.96 -23.99
C TRP A 359 -7.32 -2.81 -24.11
N GLU A 360 -6.87 -1.71 -24.72
CA GLU A 360 -7.74 -0.56 -25.02
C GLU A 360 -9.07 -0.94 -25.69
N GLU A 361 -9.06 -1.93 -26.57
CA GLU A 361 -10.26 -2.34 -27.32
C GLU A 361 -11.20 -3.23 -26.50
N LYS A 362 -10.68 -3.83 -25.43
CA LYS A 362 -11.45 -4.72 -24.57
C LYS A 362 -12.04 -3.99 -23.34
N VAL A 363 -11.30 -3.04 -22.79
CA VAL A 363 -11.72 -2.27 -21.61
C VAL A 363 -12.58 -1.04 -22.03
N THR A 364 -13.84 -1.31 -22.36
CA THR A 364 -14.77 -0.27 -22.81
C THR A 364 -15.61 0.28 -21.65
N ASP A 365 -16.14 1.50 -21.84
CA ASP A 365 -17.10 2.09 -20.90
C ASP A 365 -18.31 1.19 -20.63
N GLU A 366 -18.79 0.50 -21.66
CA GLU A 366 -19.93 -0.42 -21.55
C GLU A 366 -19.66 -1.52 -20.51
N MSE A 367 -18.49 -2.17 -20.63
CA MSE A 367 -18.15 -3.32 -19.76
C MSE A 367 -17.88 -2.89 -18.31
O MSE A 367 -18.35 -3.54 -17.39
CB MSE A 367 -16.95 -4.08 -20.35
CG MSE A 367 -16.46 -5.28 -19.52
SE MSE A 367 -14.93 -4.80 -18.40
CE MSE A 367 -13.54 -4.80 -19.75
N LEU A 368 -17.13 -1.80 -18.13
CA LEU A 368 -16.81 -1.27 -16.80
C LEU A 368 -18.08 -0.80 -16.06
N THR A 369 -18.98 -0.13 -16.79
CA THR A 369 -20.27 0.27 -16.25
C THR A 369 -21.11 -0.94 -15.78
N LYS A 370 -21.09 -2.05 -16.53
CA LYS A 370 -21.82 -3.26 -16.08
C LYS A 370 -21.26 -3.79 -14.75
N LEU A 371 -19.93 -3.78 -14.62
CA LEU A 371 -19.28 -4.23 -13.40
C LEU A 371 -19.69 -3.36 -12.20
N PHE A 372 -19.50 -2.06 -12.34
CA PHE A 372 -19.79 -1.14 -11.24
C PHE A 372 -21.25 -1.22 -10.80
N ARG A 373 -22.17 -1.45 -11.74
CA ARG A 373 -23.59 -1.55 -11.38
C ARG A 373 -23.92 -2.80 -10.55
N ARG A 374 -23.06 -3.81 -10.59
CA ARG A 374 -23.27 -5.04 -9.81
C ARG A 374 -22.71 -4.97 -8.39
N ILE A 375 -21.94 -3.92 -8.12
CA ILE A 375 -21.38 -3.70 -6.80
C ILE A 375 -22.39 -2.97 -5.91
O1 UNL B . -3.11 0.31 -2.77
O2 UNL B . -1.78 -1.62 -3.87
PA NAD C . -5.07 1.57 6.80
O1A NAD C . -3.65 1.93 7.05
O2A NAD C . -5.91 2.50 6.02
O5B NAD C . -5.69 1.29 8.26
C5B NAD C . -7.00 0.70 8.37
C4B NAD C . -7.62 0.91 9.75
O4B NAD C . -6.96 0.09 10.69
C3B NAD C . -7.48 2.34 10.25
O3B NAD C . -8.66 2.81 10.85
C2B NAD C . -6.37 2.23 11.26
O2B NAD C . -6.42 3.24 12.26
C1B NAD C . -6.59 0.83 11.82
N9A NAD C . -5.42 0.23 12.45
C8A NAD C . -4.11 0.23 12.08
N7A NAD C . -3.37 -0.46 12.98
C5A NAD C . -4.19 -0.92 13.92
C6A NAD C . -3.98 -1.66 15.08
N6A NAD C . -2.82 -2.30 15.35
N1A NAD C . -5.09 -1.92 15.88
C2A NAD C . -6.32 -1.49 15.52
N3A NAD C . -6.54 -0.77 14.38
C4A NAD C . -5.47 -0.47 13.61
O3 NAD C . -5.29 0.14 6.06
PN NAD C . -4.32 -0.71 5.07
O1N NAD C . -5.26 -1.57 4.32
O2N NAD C . -3.20 -1.25 5.86
O5D NAD C . -3.80 0.44 4.06
C5D NAD C . -4.66 0.96 3.08
C4D NAD C . -3.85 1.95 2.23
O4D NAD C . -2.71 1.27 1.70
C3D NAD C . -4.63 2.51 1.05
O3D NAD C . -4.53 3.91 0.97
C2D NAD C . -3.99 1.84 -0.15
O2D NAD C . -4.06 2.57 -1.34
C1D NAD C . -2.58 1.66 0.34
N1N NAD C . -1.80 0.69 -0.44
C2N NAD C . -0.52 1.04 -0.68
C3N NAD C . 0.32 0.21 -1.42
C7N NAD C . 1.74 0.64 -1.63
O7N NAD C . 2.56 -0.17 -2.41
N7N NAD C . 2.21 1.77 -1.11
C4N NAD C . -0.15 -1.04 -1.89
C5N NAD C . -1.48 -1.42 -1.60
C6N NAD C . -2.29 -0.53 -0.87
N1 EPE D . -17.59 5.13 2.54
C2 EPE D . -18.73 4.92 1.62
C3 EPE D . -19.31 6.15 0.95
N4 EPE D . -19.25 7.38 1.73
C5 EPE D . -17.98 7.52 2.42
C6 EPE D . -17.63 6.36 3.32
C7 EPE D . -19.47 8.54 0.88
C8 EPE D . -20.74 8.46 0.04
O8 EPE D . -20.42 7.78 -1.15
C9 EPE D . -17.56 3.90 3.35
C10 EPE D . -16.42 3.87 4.31
S EPE D . -15.58 2.27 4.38
O1S EPE D . -14.83 2.04 3.13
O2S EPE D . -16.37 1.06 4.64
O3S EPE D . -14.71 2.52 5.54
FE FE E . -3.45 -3.47 -2.71
NI NI F . -3.78 -3.54 -2.92
CL CL G . -3.20 13.91 9.66
CL CL H . -7.82 -17.22 -10.62
CL CL I . 0.57 3.60 -7.94
CL CL J . -13.58 -7.55 15.97
CA CA K . -7.12 12.80 15.38
CA CA L . -10.59 7.50 13.56
C1 PEG M . 0.11 23.55 -1.77
O1 PEG M . -0.09 24.20 -0.50
C2 PEG M . 1.39 22.71 -1.74
O2 PEG M . 2.51 23.52 -2.12
C3 PEG M . 3.74 23.19 -1.48
C4 PEG M . 4.73 24.31 -1.78
O4 PEG M . 5.44 24.68 -0.59
C1 PEG N . -20.24 12.93 -7.24
O1 PEG N . -20.67 12.77 -8.61
C2 PEG N . -18.99 12.09 -6.95
O2 PEG N . -17.92 12.94 -6.51
C3 PEG N . -16.60 12.44 -6.78
C4 PEG N . -15.61 13.60 -6.82
O4 PEG N . -14.31 13.15 -7.24
#